data_9EDP
#
_entry.id   9EDP
#
_cell.length_a   107.241
_cell.length_b   107.241
_cell.length_c   61.577
_cell.angle_alpha   90.00
_cell.angle_beta   90.00
_cell.angle_gamma   120.00
#
_symmetry.space_group_name_H-M   'P 31 2 1'
#
loop_
_entity.id
_entity.type
_entity.pdbx_description
1 polymer VP1
2 non-polymer 'CHLORIDE ION'
3 water water
#
_entity_poly.entity_id   1
_entity_poly.type   'polypeptide(L)'
_entity_poly.pdbx_seq_one_letter_code
;GSTPFTLPRLPISEMTNSRFPLVIKGMVVDPNLPLQANFQNGRITLDGELQGTTLPTSTSIGRISGTYMSSTPSRIIQHE
DSGDSTQPRVFNPVWMDLTENNWTEFQPFNDQPAPLGCPDFKAKILGTLIRQPNNGSYYFDAYLDTRQHGTFAPYTGHAA
VHSDQQAGHLAQGYKIQFSPTGIESDQNTDLNQLPDYGGAMTVSKGLAPAAAPDFPGEMILYFVSDMPVRNPNGERRDTE
ILCLLPQEMVTHFYEQQAPSQGDVALVRYINAETGRVMFEGKLHRNGFFTVSATARTLIVPDGYFRFDSWVNRFYTLSPM
;
_entity_poly.pdbx_strand_id   A
#
# COMPACT_ATOMS: atom_id res chain seq x y z
N GLY A 1 -1.89 32.40 8.88
CA GLY A 1 -2.49 31.57 9.89
C GLY A 1 -2.57 30.09 9.54
N SER A 2 -2.56 29.78 8.24
CA SER A 2 -2.69 28.39 7.80
C SER A 2 -1.37 27.66 7.96
N THR A 3 -1.45 26.38 8.32
CA THR A 3 -0.27 25.56 8.55
C THR A 3 0.57 25.46 7.27
N PRO A 4 1.85 25.84 7.31
CA PRO A 4 2.68 25.71 6.11
C PRO A 4 2.86 24.26 5.74
N PHE A 5 2.88 23.99 4.44
CA PHE A 5 3.15 22.63 3.98
C PHE A 5 4.61 22.28 4.18
N THR A 6 4.86 21.09 4.72
CA THR A 6 6.21 20.59 4.92
C THR A 6 6.26 19.10 4.62
N LEU A 7 7.47 18.61 4.38
CA LEU A 7 7.83 17.21 4.31
CA LEU A 7 7.85 17.21 4.29
C LEU A 7 8.50 16.78 5.60
N PRO A 8 8.41 15.51 5.99
CA PRO A 8 9.12 15.07 7.19
C PRO A 8 10.61 15.13 6.95
N ARG A 9 11.36 15.71 7.91
CA ARG A 9 12.81 15.83 7.78
CA ARG A 9 12.81 15.82 7.77
C ARG A 9 13.44 14.51 8.23
N LEU A 10 13.30 13.50 7.36
CA LEU A 10 13.82 12.16 7.59
C LEU A 10 14.41 11.69 6.27
N PRO A 11 15.55 11.02 6.29
CA PRO A 11 16.05 10.42 5.04
C PRO A 11 15.13 9.28 4.62
N ILE A 12 15.05 9.10 3.29
CA ILE A 12 14.18 8.05 2.75
C ILE A 12 14.59 6.68 3.29
N SER A 13 15.88 6.51 3.61
CA SER A 13 16.36 5.24 4.13
C SER A 13 15.72 4.86 5.46
N GLU A 14 15.14 5.83 6.17
CA GLU A 14 14.48 5.56 7.45
C GLU A 14 12.97 5.43 7.31
N MET A 15 12.47 5.41 6.09
CA MET A 15 11.03 5.31 5.86
C MET A 15 10.64 3.90 5.47
N THR A 16 9.33 3.65 5.47
CA THR A 16 8.80 2.31 5.23
C THR A 16 7.73 2.37 4.15
N ASN A 17 7.54 1.22 3.50
CA ASN A 17 6.58 1.13 2.40
C ASN A 17 5.16 1.28 2.90
N SER A 18 4.33 1.96 2.11
CA SER A 18 2.93 2.13 2.46
C SER A 18 2.03 0.99 1.99
N ARG A 19 2.57 0.01 1.27
CA ARG A 19 1.78 -1.11 0.75
C ARG A 19 2.13 -2.45 1.38
N PHE A 20 3.19 -2.51 2.19
CA PHE A 20 3.61 -3.73 2.88
C PHE A 20 4.62 -3.31 3.94
N PRO A 21 4.68 -4.00 5.10
CA PRO A 21 5.55 -3.54 6.19
C PRO A 21 7.03 -3.80 5.91
N LEU A 22 7.66 -2.88 5.19
CA LEU A 22 9.02 -3.07 4.68
C LEU A 22 9.73 -1.72 4.65
N VAL A 23 11.05 -1.75 4.82
CA VAL A 23 11.83 -0.52 4.69
C VAL A 23 11.95 -0.13 3.22
N ILE A 24 12.08 1.16 2.97
CA ILE A 24 12.35 1.66 1.63
C ILE A 24 13.83 1.48 1.37
N LYS A 25 14.16 0.86 0.24
CA LYS A 25 15.57 0.67 -0.13
C LYS A 25 16.05 1.63 -1.21
N GLY A 26 15.17 2.42 -1.80
CA GLY A 26 15.56 3.39 -2.79
C GLY A 26 14.37 3.89 -3.57
N MET A 27 14.65 4.65 -4.63
CA MET A 27 13.62 5.14 -5.52
C MET A 27 13.98 4.79 -6.95
N VAL A 28 12.98 4.70 -7.82
CA VAL A 28 13.23 4.36 -9.22
C VAL A 28 12.29 5.15 -10.11
N VAL A 29 12.82 5.68 -11.21
N VAL A 29 12.84 5.64 -11.22
CA VAL A 29 12.00 6.15 -12.33
CA VAL A 29 12.08 6.17 -12.36
C VAL A 29 12.42 5.34 -13.54
C VAL A 29 12.45 5.32 -13.57
N ASP A 30 11.43 4.88 -14.32
CA ASP A 30 11.73 3.93 -15.37
C ASP A 30 10.63 3.95 -16.42
N PRO A 31 10.94 4.18 -17.69
CA PRO A 31 9.89 4.08 -18.72
C PRO A 31 9.30 2.69 -18.87
N ASN A 32 9.95 1.66 -18.33
CA ASN A 32 9.40 0.31 -18.40
C ASN A 32 8.64 -0.09 -17.14
N LEU A 33 8.48 0.82 -16.19
CA LEU A 33 7.48 0.64 -15.13
C LEU A 33 6.18 1.30 -15.56
N PRO A 34 5.05 0.96 -14.94
CA PRO A 34 3.78 1.52 -15.40
C PRO A 34 3.81 3.04 -15.40
N LEU A 35 3.31 3.63 -16.48
CA LEU A 35 3.35 5.08 -16.59
C LEU A 35 2.37 5.74 -15.65
N GLN A 36 1.27 5.05 -15.31
CA GLN A 36 0.32 5.49 -14.32
C GLN A 36 0.25 4.44 -13.22
N ALA A 37 -0.06 4.88 -12.00
CA ALA A 37 -0.13 4.01 -10.84
C ALA A 37 -1.52 4.07 -10.24
N ASN A 38 -2.02 2.90 -9.83
CA ASN A 38 -3.39 2.80 -9.31
C ASN A 38 -3.45 2.21 -7.91
N PHE A 39 -2.35 2.24 -7.15
CA PHE A 39 -2.35 1.66 -5.81
C PHE A 39 -3.47 2.27 -4.97
N GLN A 40 -4.01 1.45 -4.05
CA GLN A 40 -5.03 1.93 -3.13
C GLN A 40 -4.48 2.21 -1.75
N ASN A 41 -3.33 1.64 -1.41
CA ASN A 41 -2.62 1.96 -0.18
C ASN A 41 -1.52 2.97 -0.47
N GLY A 42 -1.19 3.77 0.55
CA GLY A 42 -0.23 4.82 0.36
C GLY A 42 -0.75 5.97 -0.48
N ARG A 43 -2.04 6.28 -0.37
CA ARG A 43 -2.68 7.35 -1.13
C ARG A 43 -3.25 8.38 -0.18
N ILE A 44 -2.77 9.62 -0.31
CA ILE A 44 -3.29 10.74 0.47
C ILE A 44 -3.01 12.00 -0.32
N THR A 45 -3.91 12.98 -0.20
CA THR A 45 -3.60 14.28 -0.79
C THR A 45 -2.58 15.01 0.07
N LEU A 46 -1.95 16.03 -0.51
CA LEU A 46 -0.97 16.78 0.26
C LEU A 46 -1.59 17.52 1.43
N ASP A 47 -2.89 17.85 1.34
CA ASP A 47 -3.53 18.51 2.48
C ASP A 47 -4.15 17.51 3.45
N GLY A 48 -3.85 16.22 3.30
CA GLY A 48 -4.10 15.25 4.34
C GLY A 48 -5.38 14.46 4.22
N GLU A 49 -5.96 14.32 3.02
CA GLU A 49 -7.17 13.55 2.82
C GLU A 49 -6.80 12.15 2.35
N LEU A 50 -7.02 11.15 3.21
CA LEU A 50 -6.76 9.76 2.87
C LEU A 50 -7.64 9.33 1.71
N GLN A 51 -7.10 8.46 0.86
CA GLN A 51 -7.81 7.96 -0.31
CA GLN A 51 -7.81 7.96 -0.31
C GLN A 51 -7.71 6.45 -0.36
N GLY A 52 -8.57 5.84 -1.17
CA GLY A 52 -8.47 4.41 -1.40
C GLY A 52 -8.74 3.63 -0.14
N THR A 53 -7.79 2.74 0.19
CA THR A 53 -7.84 1.96 1.42
C THR A 53 -6.74 2.37 2.39
N THR A 54 -6.27 3.61 2.30
CA THR A 54 -5.03 3.99 2.97
C THR A 54 -5.25 4.28 4.45
N LEU A 55 -4.49 3.59 5.30
CA LEU A 55 -4.42 3.89 6.72
C LEU A 55 -3.56 5.14 6.97
N PRO A 56 -3.86 5.90 8.03
CA PRO A 56 -3.04 7.08 8.33
C PRO A 56 -1.67 6.75 8.89
N THR A 57 -1.53 5.59 9.55
CA THR A 57 -0.29 5.16 10.19
C THR A 57 -0.09 3.67 9.90
N SER A 58 1.06 3.13 10.29
CA SER A 58 1.41 1.73 9.97
CA SER A 58 1.38 1.74 9.95
CA SER A 58 1.39 1.74 9.96
C SER A 58 0.86 0.79 11.03
N THR A 59 -0.46 0.83 11.23
CA THR A 59 -1.05 -0.04 12.24
C THR A 59 -1.25 -1.46 11.72
N SER A 60 -1.66 -1.60 10.46
CA SER A 60 -2.11 -2.90 10.00
C SER A 60 -2.04 -3.02 8.49
N ILE A 61 -1.02 -2.42 7.88
CA ILE A 61 -0.88 -2.48 6.43
C ILE A 61 -0.73 -3.93 5.99
N GLY A 62 -1.54 -4.33 5.01
CA GLY A 62 -1.50 -5.68 4.48
C GLY A 62 -2.34 -6.68 5.23
N ARG A 63 -2.96 -6.27 6.33
CA ARG A 63 -3.77 -7.18 7.13
C ARG A 63 -5.25 -7.10 6.72
N ILE A 64 -5.99 -8.20 6.99
CA ILE A 64 -7.44 -8.15 6.99
C ILE A 64 -7.92 -8.76 8.32
N SER A 65 -9.12 -8.36 8.73
CA SER A 65 -9.63 -8.72 10.05
C SER A 65 -11.13 -8.95 9.97
N GLY A 66 -11.64 -9.71 10.93
CA GLY A 66 -13.08 -9.89 11.01
C GLY A 66 -13.42 -10.96 12.02
N THR A 67 -14.62 -11.52 11.88
CA THR A 67 -15.06 -12.57 12.78
C THR A 67 -15.26 -13.86 11.99
N TYR A 68 -14.96 -14.98 12.64
CA TYR A 68 -14.98 -16.27 11.97
C TYR A 68 -16.40 -16.67 11.62
N MET A 69 -16.59 -17.17 10.41
CA MET A 69 -17.86 -17.72 9.94
C MET A 69 -17.71 -19.23 9.79
N SER A 70 -18.49 -19.99 10.57
CA SER A 70 -18.39 -21.44 10.47
C SER A 70 -18.98 -21.98 9.16
N SER A 71 -19.59 -21.13 8.34
CA SER A 71 -20.14 -21.52 7.05
C SER A 71 -19.79 -20.50 6.00
N THR A 72 -19.58 -20.98 4.77
CA THR A 72 -19.37 -20.10 3.64
C THR A 72 -20.59 -19.19 3.45
N PRO A 73 -20.38 -17.96 2.94
N PRO A 73 -20.38 -17.95 2.97
CA PRO A 73 -21.47 -17.04 2.60
CA PRO A 73 -21.45 -16.97 2.73
C PRO A 73 -22.51 -17.65 1.67
C PRO A 73 -22.62 -17.53 1.91
N ARG A 89 -0.43 -30.88 1.40
CA ARG A 89 -1.50 -30.84 2.38
C ARG A 89 -2.77 -30.24 1.77
N VAL A 90 -3.86 -30.29 2.53
CA VAL A 90 -5.17 -29.80 2.10
C VAL A 90 -5.50 -28.54 2.90
N PHE A 91 -5.67 -27.43 2.18
CA PHE A 91 -5.88 -26.12 2.80
C PHE A 91 -7.34 -25.74 2.67
N ASN A 92 -8.03 -25.65 3.80
CA ASN A 92 -9.44 -25.31 3.75
C ASN A 92 -9.65 -23.83 4.03
N PRO A 93 -10.69 -23.23 3.45
CA PRO A 93 -10.93 -21.81 3.66
C PRO A 93 -11.40 -21.53 5.08
N VAL A 94 -10.93 -20.42 5.62
CA VAL A 94 -11.36 -19.90 6.92
C VAL A 94 -12.07 -18.60 6.61
N TRP A 95 -13.41 -18.60 6.67
CA TRP A 95 -14.20 -17.46 6.22
C TRP A 95 -14.28 -16.38 7.29
N MET A 96 -14.20 -15.13 6.84
CA MET A 96 -14.16 -13.98 7.72
C MET A 96 -15.26 -13.01 7.32
N ASP A 97 -16.07 -12.63 8.30
CA ASP A 97 -17.02 -11.53 8.16
C ASP A 97 -16.23 -10.27 8.48
N LEU A 98 -15.88 -9.51 7.44
CA LEU A 98 -14.81 -8.52 7.56
C LEU A 98 -15.20 -7.33 8.43
N THR A 99 -14.23 -6.85 9.20
CA THR A 99 -14.28 -5.58 9.90
C THR A 99 -13.09 -4.74 9.42
N GLU A 100 -13.04 -3.48 9.85
CA GLU A 100 -11.76 -2.78 9.77
C GLU A 100 -10.76 -3.49 10.68
N ASN A 101 -9.47 -3.24 10.45
CA ASN A 101 -8.46 -3.89 11.28
C ASN A 101 -8.48 -3.38 12.72
N ASN A 102 -9.10 -2.23 12.97
CA ASN A 102 -9.26 -1.75 14.34
C ASN A 102 -10.56 -2.26 14.95
N TRP A 103 -11.22 -3.20 14.29
CA TRP A 103 -12.38 -3.98 14.71
C TRP A 103 -13.67 -3.18 14.62
N THR A 104 -13.64 -1.94 14.13
CA THR A 104 -14.88 -1.22 13.85
C THR A 104 -15.54 -1.80 12.59
N GLU A 105 -16.79 -1.42 12.36
CA GLU A 105 -17.58 -2.02 11.29
CA GLU A 105 -17.49 -2.10 11.29
C GLU A 105 -17.08 -1.56 9.92
N PHE A 106 -17.10 -2.47 8.94
CA PHE A 106 -16.88 -2.17 7.53
C PHE A 106 -18.21 -2.34 6.80
N GLN A 107 -18.69 -1.29 6.14
CA GLN A 107 -19.93 -1.38 5.39
C GLN A 107 -19.62 -1.84 3.96
N PRO A 108 -20.07 -3.03 3.56
CA PRO A 108 -19.81 -3.50 2.19
C PRO A 108 -20.71 -2.80 1.19
N PHE A 109 -20.36 -2.95 -0.09
CA PHE A 109 -21.15 -2.43 -1.20
C PHE A 109 -21.32 -0.92 -1.13
N ASN A 110 -20.39 -0.21 -0.47
CA ASN A 110 -20.56 1.22 -0.30
C ASN A 110 -19.48 2.00 -1.04
N ASP A 111 -18.86 2.98 -0.36
CA ASP A 111 -17.95 3.91 -1.02
CA ASP A 111 -17.96 3.94 -1.00
C ASP A 111 -16.49 3.67 -0.65
N GLN A 112 -16.15 2.45 -0.27
CA GLN A 112 -14.78 2.09 0.10
C GLN A 112 -14.52 0.70 -0.47
N PRO A 113 -13.42 0.49 -1.19
CA PRO A 113 -13.24 -0.76 -1.94
C PRO A 113 -13.05 -1.99 -1.07
N ALA A 114 -12.48 -1.83 0.11
CA ALA A 114 -12.15 -2.91 1.02
C ALA A 114 -11.83 -2.24 2.35
N PRO A 115 -11.73 -2.98 3.45
CA PRO A 115 -11.27 -2.37 4.71
C PRO A 115 -9.91 -1.71 4.52
N LEU A 116 -9.64 -0.71 5.34
CA LEU A 116 -8.38 0.00 5.19
C LEU A 116 -7.23 -0.93 5.46
N GLY A 117 -6.13 -0.76 4.71
CA GLY A 117 -4.98 -1.61 4.86
C GLY A 117 -5.04 -2.92 4.12
N CYS A 118 -6.20 -3.29 3.59
CA CYS A 118 -6.31 -4.51 2.81
C CYS A 118 -5.26 -4.52 1.70
N PRO A 119 -4.61 -5.66 1.42
CA PRO A 119 -3.65 -5.72 0.31
C PRO A 119 -4.24 -5.17 -0.99
N ASP A 120 -3.42 -4.45 -1.75
CA ASP A 120 -3.85 -3.89 -3.04
C ASP A 120 -3.03 -4.49 -4.18
N PHE A 121 -2.67 -5.76 -4.05
CA PHE A 121 -1.99 -6.50 -5.10
C PHE A 121 -2.51 -7.93 -5.11
N LYS A 122 -2.21 -8.64 -6.20
CA LYS A 122 -2.69 -10.00 -6.43
C LYS A 122 -1.54 -10.98 -6.20
N ALA A 123 -1.65 -11.78 -5.14
CA ALA A 123 -0.62 -12.77 -4.86
C ALA A 123 -1.17 -13.78 -3.86
N LYS A 124 -0.51 -14.93 -3.80
CA LYS A 124 -0.66 -15.82 -2.65
C LYS A 124 0.18 -15.24 -1.52
N ILE A 125 -0.48 -14.58 -0.56
CA ILE A 125 0.20 -13.88 0.53
C ILE A 125 0.30 -14.83 1.72
N LEU A 126 1.52 -15.13 2.14
CA LEU A 126 1.73 -16.02 3.28
C LEU A 126 1.71 -15.24 4.58
N GLY A 127 1.27 -15.89 5.64
CA GLY A 127 1.26 -15.21 6.91
C GLY A 127 0.73 -16.06 8.02
N THR A 128 0.13 -15.43 9.03
CA THR A 128 -0.49 -16.15 10.12
C THR A 128 -1.88 -15.58 10.35
N LEU A 129 -2.72 -16.40 10.98
CA LEU A 129 -4.06 -16.00 11.40
C LEU A 129 -4.08 -15.94 12.91
N ILE A 130 -4.49 -14.80 13.45
CA ILE A 130 -4.32 -14.49 14.87
C ILE A 130 -5.67 -14.50 15.55
N ARG A 131 -5.86 -15.44 16.47
CA ARG A 131 -7.03 -15.44 17.33
C ARG A 131 -6.82 -14.41 18.44
N GLN A 132 -7.81 -13.55 18.65
CA GLN A 132 -7.62 -12.38 19.49
C GLN A 132 -7.67 -12.75 20.96
N PRO A 133 -7.14 -11.90 21.85
CA PRO A 133 -6.97 -12.31 23.25
C PRO A 133 -8.27 -12.69 23.97
N ASN A 134 -9.42 -12.13 23.57
CA ASN A 134 -10.67 -12.47 24.25
CA ASN A 134 -10.65 -12.47 24.27
CA ASN A 134 -10.68 -12.46 24.25
C ASN A 134 -11.01 -13.94 24.10
N ASN A 135 -10.52 -14.59 23.05
CA ASN A 135 -10.74 -16.02 22.89
C ASN A 135 -9.46 -16.83 23.08
N GLY A 136 -8.50 -16.28 23.82
CA GLY A 136 -7.23 -16.93 24.01
C GLY A 136 -6.26 -16.60 22.90
N SER A 137 -5.19 -15.87 23.20
CA SER A 137 -4.22 -15.54 22.16
CA SER A 137 -4.22 -15.54 22.17
C SER A 137 -3.59 -16.81 21.61
N TYR A 138 -3.67 -16.97 20.31
CA TYR A 138 -3.07 -18.09 19.60
C TYR A 138 -2.97 -17.66 18.14
N TYR A 139 -1.99 -18.21 17.43
CA TYR A 139 -1.98 -17.96 16.00
C TYR A 139 -1.38 -19.16 15.28
N PHE A 140 -1.70 -19.27 13.99
CA PHE A 140 -1.22 -20.38 13.18
C PHE A 140 -1.06 -19.92 11.74
N ASP A 141 -0.37 -20.74 10.95
CA ASP A 141 -0.05 -20.36 9.57
C ASP A 141 -1.30 -20.35 8.70
N ALA A 142 -1.36 -19.38 7.79
CA ALA A 142 -2.45 -19.31 6.83
C ALA A 142 -1.97 -18.47 5.66
N TYR A 143 -2.68 -18.55 4.54
CA TYR A 143 -2.38 -17.68 3.43
C TYR A 143 -3.65 -17.02 2.92
N LEU A 144 -3.48 -15.85 2.32
CA LEU A 144 -4.55 -15.09 1.71
C LEU A 144 -4.22 -14.96 0.23
N ASP A 145 -4.98 -15.64 -0.64
CA ASP A 145 -4.72 -15.59 -2.07
C ASP A 145 -5.63 -14.53 -2.70
N THR A 146 -5.07 -13.35 -2.95
CA THR A 146 -5.86 -12.24 -3.45
C THR A 146 -6.07 -12.29 -4.97
N ARG A 147 -5.68 -13.40 -5.60
CA ARG A 147 -5.95 -13.62 -7.01
C ARG A 147 -7.32 -14.25 -7.26
N GLN A 148 -7.99 -14.76 -6.23
CA GLN A 148 -9.16 -15.62 -6.39
C GLN A 148 -10.45 -14.84 -6.19
N HIS A 149 -11.31 -14.83 -7.21
CA HIS A 149 -12.60 -14.14 -7.10
C HIS A 149 -13.50 -14.75 -6.03
N GLY A 150 -13.45 -16.07 -5.84
CA GLY A 150 -14.41 -16.72 -4.98
C GLY A 150 -14.18 -16.50 -3.51
N THR A 151 -12.92 -16.36 -3.11
CA THR A 151 -12.56 -16.23 -1.71
C THR A 151 -11.94 -14.89 -1.36
N PHE A 152 -11.73 -14.00 -2.34
CA PHE A 152 -11.22 -12.65 -2.04
C PHE A 152 -12.07 -11.63 -2.76
N ALA A 153 -13.21 -11.31 -2.16
CA ALA A 153 -14.10 -10.25 -2.64
C ALA A 153 -14.45 -9.34 -1.46
N PRO A 154 -13.44 -8.64 -0.91
CA PRO A 154 -13.67 -7.87 0.33
C PRO A 154 -14.69 -6.76 0.21
N TYR A 155 -14.92 -6.23 -0.99
CA TYR A 155 -15.96 -5.21 -1.16
C TYR A 155 -17.33 -5.74 -0.73
N THR A 156 -17.52 -7.06 -0.80
CA THR A 156 -18.78 -7.68 -0.38
C THR A 156 -18.86 -7.93 1.11
N GLY A 157 -17.78 -7.68 1.85
CA GLY A 157 -17.80 -7.86 3.29
C GLY A 157 -17.32 -9.21 3.77
N HIS A 158 -16.91 -10.08 2.86
CA HIS A 158 -16.42 -11.41 3.24
C HIS A 158 -15.16 -11.72 2.46
N ALA A 159 -14.28 -12.49 3.10
CA ALA A 159 -13.10 -13.04 2.45
C ALA A 159 -12.66 -14.24 3.26
N ALA A 160 -11.90 -15.13 2.62
CA ALA A 160 -11.38 -16.30 3.31
C ALA A 160 -9.87 -16.36 3.18
N VAL A 161 -9.19 -16.69 4.28
CA VAL A 161 -7.83 -17.19 4.22
C VAL A 161 -7.88 -18.70 4.08
N HIS A 162 -6.75 -19.34 3.82
CA HIS A 162 -6.67 -20.78 3.70
C HIS A 162 -5.63 -21.32 4.66
N SER A 163 -5.93 -22.46 5.29
CA SER A 163 -5.05 -23.00 6.32
C SER A 163 -5.28 -24.49 6.41
N ASP A 164 -4.22 -25.21 6.82
CA ASP A 164 -4.36 -26.59 7.24
C ASP A 164 -4.07 -26.75 8.75
N GLN A 165 -4.07 -25.64 9.50
CA GLN A 165 -3.72 -25.65 10.92
CA GLN A 165 -3.73 -25.68 10.91
C GLN A 165 -4.85 -25.15 11.81
N GLN A 166 -6.05 -24.95 11.28
CA GLN A 166 -7.08 -24.31 12.07
CA GLN A 166 -7.13 -24.31 12.02
C GLN A 166 -7.86 -25.28 12.96
N ALA A 167 -7.82 -26.57 12.66
CA ALA A 167 -8.74 -27.53 13.29
C ALA A 167 -8.81 -27.38 14.80
N GLY A 168 -10.01 -27.09 15.29
CA GLY A 168 -10.29 -27.03 16.70
C GLY A 168 -10.11 -25.68 17.34
N HIS A 169 -9.54 -24.70 16.64
CA HIS A 169 -9.12 -23.46 17.27
C HIS A 169 -10.09 -22.30 17.06
N LEU A 170 -11.08 -22.44 16.19
CA LEU A 170 -12.00 -21.35 15.90
C LEU A 170 -13.44 -21.78 16.12
N ALA A 171 -14.26 -20.83 16.57
CA ALA A 171 -15.69 -21.01 16.67
C ALA A 171 -16.37 -19.76 16.13
N GLN A 172 -17.63 -19.94 15.72
CA GLN A 172 -18.43 -18.85 15.16
C GLN A 172 -18.27 -17.57 15.97
N GLY A 173 -17.93 -16.48 15.27
CA GLY A 173 -17.84 -15.17 15.87
C GLY A 173 -16.50 -14.78 16.45
N TYR A 174 -15.53 -15.69 16.53
CA TYR A 174 -14.21 -15.34 17.07
C TYR A 174 -13.59 -14.25 16.20
N LYS A 175 -13.00 -13.25 16.85
N LYS A 175 -13.02 -13.24 16.86
CA LYS A 175 -12.25 -12.24 16.12
CA LYS A 175 -12.21 -12.24 16.15
C LYS A 175 -10.90 -12.81 15.69
C LYS A 175 -10.92 -12.87 15.66
N ILE A 176 -10.58 -12.65 14.40
CA ILE A 176 -9.36 -13.18 13.83
C ILE A 176 -8.76 -12.14 12.89
N GLN A 177 -7.43 -12.13 12.82
CA GLN A 177 -6.73 -11.18 11.98
C GLN A 177 -5.63 -11.89 11.22
N PHE A 178 -5.55 -11.64 9.91
CA PHE A 178 -4.48 -12.16 9.08
C PHE A 178 -3.33 -11.17 9.04
N SER A 179 -2.13 -11.64 9.33
CA SER A 179 -0.93 -10.81 9.31
C SER A 179 0.05 -11.37 8.31
N PRO A 180 0.42 -10.64 7.26
CA PRO A 180 1.28 -11.21 6.22
C PRO A 180 2.76 -11.18 6.56
N THR A 181 3.46 -12.20 6.08
CA THR A 181 4.92 -12.23 6.14
CA THR A 181 4.91 -12.25 6.14
C THR A 181 5.57 -12.02 4.79
N GLY A 182 4.89 -12.35 3.70
CA GLY A 182 5.51 -12.31 2.39
C GLY A 182 4.61 -12.96 1.37
N ILE A 183 5.17 -13.26 0.20
CA ILE A 183 4.37 -13.85 -0.88
C ILE A 183 5.08 -15.05 -1.48
N GLU A 184 4.29 -15.87 -2.17
CA GLU A 184 4.83 -16.69 -3.23
C GLU A 184 4.84 -15.85 -4.50
N SER A 185 5.83 -16.09 -5.35
CA SER A 185 5.98 -15.34 -6.58
CA SER A 185 5.99 -15.34 -6.58
C SER A 185 6.20 -16.30 -7.73
N ASP A 186 5.50 -16.08 -8.84
CA ASP A 186 5.70 -16.92 -10.03
C ASP A 186 5.84 -16.05 -11.27
N GLN A 187 5.82 -16.69 -12.45
CA GLN A 187 6.04 -15.99 -13.71
CA GLN A 187 6.04 -15.98 -13.69
C GLN A 187 4.97 -14.93 -13.97
N ASN A 188 3.78 -15.09 -13.39
CA ASN A 188 2.69 -14.16 -13.60
C ASN A 188 2.62 -13.06 -12.54
N THR A 189 3.49 -13.08 -11.53
CA THR A 189 3.37 -12.10 -10.45
C THR A 189 3.62 -10.71 -10.99
N ASP A 190 2.69 -9.80 -10.70
CA ASP A 190 2.78 -8.41 -11.13
C ASP A 190 2.07 -7.62 -10.03
N LEU A 191 2.85 -7.01 -9.14
CA LEU A 191 2.26 -6.34 -7.99
C LEU A 191 1.74 -4.95 -8.34
N ASN A 192 1.83 -4.54 -9.60
CA ASN A 192 1.28 -3.27 -10.03
C ASN A 192 -0.12 -3.41 -10.62
N GLN A 193 -0.81 -4.51 -10.35
CA GLN A 193 -2.19 -4.69 -10.77
C GLN A 193 -3.07 -4.85 -9.54
N LEU A 194 -4.14 -4.06 -9.48
CA LEU A 194 -5.05 -4.14 -8.35
C LEU A 194 -5.81 -5.46 -8.37
N PRO A 195 -6.16 -5.99 -7.20
CA PRO A 195 -7.06 -7.14 -7.17
C PRO A 195 -8.47 -6.71 -7.55
N ASP A 196 -9.31 -7.70 -7.82
CA ASP A 196 -10.73 -7.45 -8.10
C ASP A 196 -11.43 -7.46 -6.75
N TYR A 197 -11.61 -6.27 -6.17
CA TYR A 197 -12.12 -6.17 -4.81
C TYR A 197 -13.53 -6.74 -4.68
N GLY A 198 -14.32 -6.68 -5.75
CA GLY A 198 -15.67 -7.22 -5.72
C GLY A 198 -15.77 -8.62 -6.24
N GLY A 199 -14.64 -9.27 -6.53
CA GLY A 199 -14.66 -10.60 -7.10
C GLY A 199 -15.10 -10.54 -8.56
N ALA A 200 -16.06 -11.39 -8.93
CA ALA A 200 -16.58 -11.33 -10.29
C ALA A 200 -17.30 -10.02 -10.57
N MET A 201 -17.76 -9.32 -9.53
CA MET A 201 -18.46 -8.04 -9.69
C MET A 201 -17.47 -6.89 -9.72
N THR A 202 -17.39 -6.22 -10.87
N THR A 202 -17.58 -6.06 -10.76
CA THR A 202 -16.45 -5.12 -11.03
CA THR A 202 -16.77 -4.85 -10.86
C THR A 202 -16.92 -3.86 -10.32
C THR A 202 -17.00 -3.92 -9.66
N VAL A 203 -18.18 -3.81 -9.91
N VAL A 203 -15.95 -3.15 -9.32
CA VAL A 203 -18.72 -2.69 -9.17
CA VAL A 203 -16.02 -2.12 -8.29
C VAL A 203 -18.03 -2.61 -7.82
C VAL A 203 -15.34 -0.87 -8.81
N SER A 204 -16.84 -2.02 -7.80
N SER A 204 -15.95 0.28 -8.56
CA SER A 204 -16.17 -1.60 -6.57
CA SER A 204 -15.40 1.56 -9.02
C SER A 204 -16.04 -0.09 -6.63
C SER A 204 -15.41 2.57 -7.88
N LYS A 205 -16.27 0.57 -5.49
N LYS A 205 -16.41 2.46 -7.00
CA LYS A 205 -16.33 2.02 -5.45
CA LYS A 205 -16.65 3.47 -5.98
C LYS A 205 -15.37 2.56 -4.40
C LYS A 205 -15.53 3.49 -4.96
N GLY A 206 -15.09 3.86 -4.50
N GLY A 206 -15.06 4.69 -4.63
CA GLY A 206 -14.20 4.51 -3.56
CA GLY A 206 -14.10 4.86 -3.58
C GLY A 206 -12.73 4.38 -3.91
C GLY A 206 -12.67 4.53 -3.93
N LEU A 207 -12.40 4.04 -5.15
CA LEU A 207 -11.02 3.82 -5.54
C LEU A 207 -10.27 5.14 -5.60
N ALA A 208 -9.05 5.14 -5.07
CA ALA A 208 -8.16 6.26 -5.35
C ALA A 208 -7.87 6.30 -6.84
N PRO A 209 -7.84 7.47 -7.44
CA PRO A 209 -7.70 7.56 -8.90
C PRO A 209 -6.27 7.27 -9.35
N ALA A 210 -6.14 7.04 -10.65
CA ALA A 210 -4.82 6.87 -11.23
C ALA A 210 -3.95 8.08 -10.94
N ALA A 211 -2.71 7.81 -10.54
CA ALA A 211 -1.68 8.84 -10.44
C ALA A 211 -0.91 8.85 -11.75
N ALA A 212 -0.83 10.02 -12.41
CA ALA A 212 -0.19 10.04 -13.71
C ALA A 212 0.49 11.39 -13.91
N PRO A 213 1.66 11.42 -14.52
CA PRO A 213 2.26 12.71 -14.87
C PRO A 213 1.37 13.40 -15.90
N ASP A 214 1.44 14.72 -15.94
CA ASP A 214 0.75 15.45 -16.99
C ASP A 214 1.70 16.24 -17.87
N PHE A 215 3.00 16.04 -17.69
CA PHE A 215 4.04 16.66 -18.50
C PHE A 215 4.69 15.57 -19.32
N PRO A 216 4.69 15.66 -20.64
CA PRO A 216 5.56 14.76 -21.41
C PRO A 216 7.00 14.98 -20.96
N GLY A 217 7.75 13.91 -20.84
CA GLY A 217 9.09 14.02 -20.33
C GLY A 217 9.20 13.83 -18.84
N GLU A 218 8.08 13.85 -18.11
CA GLU A 218 8.08 13.51 -16.69
C GLU A 218 7.56 12.09 -16.50
N MET A 219 8.06 11.44 -15.45
N MET A 219 8.07 11.44 -15.44
CA MET A 219 7.56 10.13 -15.10
CA MET A 219 7.70 10.09 -15.07
C MET A 219 7.50 10.02 -13.59
C MET A 219 7.48 10.05 -13.57
N ILE A 220 6.73 9.04 -13.12
CA ILE A 220 6.54 8.85 -11.69
C ILE A 220 7.86 8.41 -11.06
N LEU A 221 8.19 9.02 -9.93
CA LEU A 221 9.27 8.54 -9.08
C LEU A 221 8.66 7.59 -8.05
N TYR A 222 8.97 6.30 -8.16
CA TYR A 222 8.44 5.30 -7.25
C TYR A 222 9.40 5.07 -6.09
N PHE A 223 8.84 4.72 -4.93
CA PHE A 223 9.63 4.25 -3.79
C PHE A 223 9.61 2.74 -3.80
N VAL A 224 10.75 2.10 -3.51
CA VAL A 224 11.02 0.68 -3.74
CA VAL A 224 10.87 0.67 -3.71
C VAL A 224 11.28 -0.04 -2.43
N SER A 225 10.73 -1.23 -2.26
CA SER A 225 11.14 -2.18 -1.23
C SER A 225 11.31 -3.57 -1.85
N ASP A 226 12.10 -4.41 -1.19
CA ASP A 226 12.18 -5.82 -1.58
C ASP A 226 11.10 -6.60 -0.83
N MET A 227 10.24 -7.31 -1.59
CA MET A 227 9.20 -8.14 -1.01
CA MET A 227 9.19 -8.16 -1.03
C MET A 227 9.79 -9.47 -0.55
N PRO A 228 9.54 -9.90 0.70
CA PRO A 228 9.97 -11.24 1.10
CA PRO A 228 9.96 -11.24 1.11
C PRO A 228 9.19 -12.29 0.34
N VAL A 229 9.90 -13.30 -0.16
CA VAL A 229 9.35 -14.35 -1.00
C VAL A 229 9.67 -15.69 -0.38
N ARG A 230 8.69 -16.60 -0.37
CA ARG A 230 8.90 -17.97 0.10
C ARG A 230 8.20 -18.88 -0.91
N ASN A 231 8.95 -19.33 -1.88
CA ASN A 231 8.42 -20.28 -2.84
C ASN A 231 8.79 -21.70 -2.43
N PRO A 232 7.99 -22.69 -2.83
CA PRO A 232 8.36 -24.08 -2.55
C PRO A 232 9.79 -24.39 -2.98
N ASN A 233 10.51 -25.09 -2.11
CA ASN A 233 11.89 -25.50 -2.33
C ASN A 233 12.85 -24.31 -2.50
N GLY A 234 12.43 -23.11 -2.09
CA GLY A 234 13.31 -21.97 -2.23
C GLY A 234 13.48 -21.47 -3.64
N GLU A 235 12.60 -21.87 -4.56
CA GLU A 235 12.68 -21.40 -5.94
CA GLU A 235 12.69 -21.40 -5.94
C GLU A 235 12.78 -19.88 -5.98
N ARG A 236 13.70 -19.38 -6.79
CA ARG A 236 14.05 -17.97 -6.77
C ARG A 236 13.24 -17.19 -7.79
N ARG A 237 12.51 -16.18 -7.31
CA ARG A 237 11.93 -15.17 -8.18
C ARG A 237 11.82 -13.90 -7.34
N ASP A 238 12.91 -13.15 -7.28
CA ASP A 238 12.97 -11.97 -6.42
C ASP A 238 12.01 -10.92 -6.95
N THR A 239 11.37 -10.19 -6.02
CA THR A 239 10.26 -9.30 -6.36
C THR A 239 10.35 -8.02 -5.55
N GLU A 240 10.29 -6.88 -6.23
CA GLU A 240 10.18 -5.58 -5.57
C GLU A 240 8.71 -5.20 -5.45
N ILE A 241 8.40 -4.31 -4.50
CA ILE A 241 7.08 -3.70 -4.45
C ILE A 241 7.25 -2.19 -4.37
N LEU A 242 6.53 -1.47 -5.22
CA LEU A 242 6.62 -0.02 -5.35
C LEU A 242 5.52 0.65 -4.55
N CYS A 243 5.76 1.89 -4.12
CA CYS A 243 4.66 2.72 -3.63
C CYS A 243 4.89 4.15 -4.07
N LEU A 244 3.84 4.97 -3.97
CA LEU A 244 3.93 6.36 -4.38
C LEU A 244 4.41 7.28 -3.27
N LEU A 245 4.16 6.91 -2.00
CA LEU A 245 4.54 7.69 -0.83
C LEU A 245 4.93 6.71 0.26
N PRO A 246 6.09 6.85 0.89
CA PRO A 246 6.35 6.05 2.10
C PRO A 246 5.33 6.41 3.18
N GLN A 247 5.08 5.46 4.08
CA GLN A 247 4.01 5.68 5.06
C GLN A 247 4.32 6.88 5.97
N GLU A 248 5.59 7.17 6.22
CA GLU A 248 5.89 8.31 7.07
C GLU A 248 5.51 9.63 6.42
N MET A 249 5.54 9.69 5.08
CA MET A 249 5.02 10.88 4.42
C MET A 249 3.50 10.92 4.51
N VAL A 250 2.83 9.79 4.31
CA VAL A 250 1.37 9.74 4.51
C VAL A 250 1.01 10.27 5.89
N THR A 251 1.67 9.74 6.94
CA THR A 251 1.36 10.17 8.30
C THR A 251 1.62 11.66 8.49
N HIS A 252 2.74 12.15 7.94
CA HIS A 252 3.08 13.56 8.07
C HIS A 252 2.00 14.46 7.47
N PHE A 253 1.56 14.16 6.24
CA PHE A 253 0.54 14.99 5.60
C PHE A 253 -0.79 14.87 6.34
N TYR A 254 -1.13 13.66 6.78
CA TYR A 254 -2.35 13.45 7.54
C TYR A 254 -2.33 14.24 8.85
N GLU A 255 -1.18 14.26 9.52
CA GLU A 255 -1.11 14.90 10.83
C GLU A 255 -1.13 16.42 10.71
N GLN A 256 -0.50 16.99 9.69
CA GLN A 256 -0.34 18.44 9.56
CA GLN A 256 -0.38 18.43 9.61
C GLN A 256 -1.56 19.10 8.94
N GLN A 257 -2.25 18.42 8.02
CA GLN A 257 -3.43 18.97 7.35
C GLN A 257 -3.15 20.36 6.78
N ALA A 258 -2.03 20.48 6.07
CA ALA A 258 -1.60 21.78 5.58
C ALA A 258 -2.31 22.10 4.26
N PRO A 259 -2.99 23.23 4.17
CA PRO A 259 -3.64 23.59 2.89
C PRO A 259 -2.62 23.71 1.76
N SER A 260 -3.02 23.24 0.57
CA SER A 260 -2.18 23.38 -0.60
C SER A 260 -2.37 24.79 -1.17
N GLN A 261 -1.27 25.46 -1.47
CA GLN A 261 -1.32 26.86 -1.85
C GLN A 261 -0.77 27.11 -3.26
N GLY A 262 -0.96 26.15 -4.14
CA GLY A 262 -0.54 26.31 -5.53
C GLY A 262 -0.87 25.06 -6.31
N ASP A 263 -0.54 25.09 -7.61
CA ASP A 263 -0.92 23.95 -8.46
C ASP A 263 -0.17 22.68 -8.07
N VAL A 264 1.12 22.79 -7.78
CA VAL A 264 1.95 21.62 -7.53
C VAL A 264 3.12 22.07 -6.66
N ALA A 265 3.65 21.14 -5.86
CA ALA A 265 4.73 21.47 -4.94
C ALA A 265 6.08 21.17 -5.58
N LEU A 266 6.99 22.13 -5.54
CA LEU A 266 8.35 21.92 -6.00
C LEU A 266 9.19 21.42 -4.84
N VAL A 267 9.82 20.26 -5.01
CA VAL A 267 10.60 19.64 -3.95
C VAL A 267 12.01 19.36 -4.48
N ARG A 268 12.98 19.41 -3.58
CA ARG A 268 14.36 19.09 -3.91
C ARG A 268 14.82 17.92 -3.07
N TYR A 269 15.57 17.00 -3.69
CA TYR A 269 16.15 15.87 -2.98
C TYR A 269 17.55 16.27 -2.56
N ILE A 270 17.81 16.20 -1.25
CA ILE A 270 19.03 16.72 -0.65
C ILE A 270 19.86 15.55 -0.16
N ASN A 271 21.13 15.49 -0.58
CA ASN A 271 22.03 14.48 -0.05
C ASN A 271 22.23 14.67 1.46
N ALA A 272 22.04 13.60 2.23
CA ALA A 272 22.06 13.73 3.68
C ALA A 272 23.46 14.05 4.19
N GLU A 273 24.49 13.52 3.54
CA GLU A 273 25.86 13.78 3.97
C GLU A 273 26.30 15.20 3.63
N THR A 274 26.22 15.56 2.36
CA THR A 274 26.79 16.82 1.89
C THR A 274 25.82 17.99 1.92
N GLY A 275 24.52 17.73 1.97
CA GLY A 275 23.56 18.79 1.81
C GLY A 275 23.38 19.27 0.39
N ARG A 276 24.04 18.62 -0.57
CA ARG A 276 23.93 19.03 -1.97
C ARG A 276 22.54 18.70 -2.51
N VAL A 277 22.00 19.62 -3.33
CA VAL A 277 20.78 19.34 -4.06
C VAL A 277 21.10 18.35 -5.17
N MET A 278 20.46 17.18 -5.14
CA MET A 278 20.76 16.16 -6.14
CA MET A 278 20.72 16.12 -6.12
C MET A 278 19.85 16.26 -7.35
N PHE A 279 18.57 16.56 -7.15
CA PHE A 279 17.63 16.75 -8.25
C PHE A 279 16.39 17.39 -7.65
N GLU A 280 15.47 17.82 -8.51
CA GLU A 280 14.21 18.36 -8.05
C GLU A 280 13.08 17.57 -8.70
N GLY A 281 11.89 17.69 -8.12
CA GLY A 281 10.73 17.02 -8.65
C GLY A 281 9.48 17.79 -8.32
N LYS A 282 8.37 17.33 -8.89
CA LYS A 282 7.05 17.83 -8.56
C LYS A 282 6.40 16.87 -7.59
N LEU A 283 5.83 17.40 -6.52
CA LEU A 283 5.02 16.62 -5.60
C LEU A 283 3.58 17.07 -5.84
N HIS A 284 2.78 16.17 -6.39
CA HIS A 284 1.43 16.52 -6.85
C HIS A 284 0.43 16.48 -5.71
N ARG A 285 -0.60 17.34 -5.83
CA ARG A 285 -1.62 17.44 -4.79
CA ARG A 285 -1.60 17.45 -4.78
C ARG A 285 -2.28 16.12 -4.48
N ASN A 286 -2.44 15.25 -5.48
CA ASN A 286 -3.05 13.95 -5.25
CA ASN A 286 -3.07 13.96 -5.19
C ASN A 286 -2.11 12.97 -4.55
N GLY A 287 -0.85 13.36 -4.33
CA GLY A 287 0.05 12.58 -3.49
C GLY A 287 1.00 11.64 -4.20
N PHE A 288 1.83 12.16 -5.08
CA PHE A 288 2.87 11.35 -5.72
C PHE A 288 3.89 12.29 -6.32
N PHE A 289 5.08 11.74 -6.61
CA PHE A 289 6.20 12.50 -7.15
C PHE A 289 6.39 12.23 -8.63
N THR A 290 6.74 13.27 -9.38
CA THR A 290 7.26 13.06 -10.73
C THR A 290 8.58 13.81 -10.89
N VAL A 291 9.39 13.33 -11.82
CA VAL A 291 10.66 13.97 -12.13
C VAL A 291 10.81 14.00 -13.65
N SER A 292 11.71 14.87 -14.11
CA SER A 292 12.03 14.99 -15.53
C SER A 292 13.15 14.01 -15.86
N ALA A 293 12.83 12.94 -16.57
CA ALA A 293 13.80 11.91 -16.90
C ALA A 293 13.36 11.18 -18.16
N THR A 294 14.33 10.57 -18.84
CA THR A 294 14.04 9.75 -20.01
C THR A 294 14.43 8.29 -19.87
N ALA A 295 15.38 7.98 -19.00
CA ALA A 295 15.87 6.62 -18.89
C ALA A 295 15.77 6.15 -17.45
N ARG A 296 15.81 4.84 -17.28
CA ARG A 296 15.79 4.22 -15.95
C ARG A 296 16.85 4.85 -15.06
N THR A 297 16.43 5.30 -13.89
CA THR A 297 17.33 5.96 -12.95
C THR A 297 17.02 5.45 -11.55
N LEU A 298 18.03 4.95 -10.86
CA LEU A 298 17.89 4.39 -9.51
C LEU A 298 18.51 5.35 -8.52
N ILE A 299 17.76 5.69 -7.47
CA ILE A 299 18.19 6.68 -6.48
C ILE A 299 18.38 5.96 -5.15
N VAL A 300 19.60 6.02 -4.62
CA VAL A 300 19.87 5.45 -3.30
C VAL A 300 19.24 6.35 -2.24
N PRO A 301 18.78 5.80 -1.12
CA PRO A 301 17.89 6.55 -0.23
C PRO A 301 18.61 7.37 0.83
N ASP A 302 19.86 7.74 0.59
CA ASP A 302 20.60 8.49 1.61
C ASP A 302 20.46 10.00 1.40
N GLY A 303 19.21 10.43 1.23
CA GLY A 303 18.87 11.83 1.10
C GLY A 303 17.46 12.05 1.61
N TYR A 304 17.05 13.32 1.66
CA TYR A 304 15.69 13.64 2.07
C TYR A 304 15.07 14.65 1.11
N PHE A 305 13.74 14.65 1.06
CA PHE A 305 13.03 15.63 0.26
C PHE A 305 12.71 16.86 1.09
N ARG A 306 12.88 18.02 0.46
CA ARG A 306 12.66 19.31 1.08
C ARG A 306 11.67 20.07 0.21
N PHE A 307 10.59 20.57 0.82
CA PHE A 307 9.63 21.39 0.10
C PHE A 307 10.19 22.79 -0.07
N ASP A 308 10.22 23.26 -1.30
CA ASP A 308 10.77 24.60 -1.54
C ASP A 308 9.72 25.65 -1.89
N SER A 309 8.73 25.34 -2.73
CA SER A 309 7.71 26.35 -3.04
C SER A 309 6.57 25.71 -3.80
N TRP A 310 5.42 26.40 -3.76
CA TRP A 310 4.31 26.06 -4.62
C TRP A 310 4.53 26.71 -5.97
N VAL A 311 4.31 25.97 -7.06
CA VAL A 311 4.57 26.48 -8.39
C VAL A 311 3.37 26.20 -9.29
N ASN A 312 3.34 26.91 -10.43
CA ASN A 312 2.28 26.76 -11.42
C ASN A 312 2.41 25.40 -12.12
N ARG A 313 1.28 24.91 -12.64
CA ARG A 313 1.29 23.60 -13.27
C ARG A 313 2.17 23.53 -14.52
N PHE A 314 2.51 24.67 -15.11
CA PHE A 314 3.37 24.66 -16.30
C PHE A 314 4.85 24.79 -15.95
N TYR A 315 5.21 24.64 -14.68
CA TYR A 315 6.62 24.70 -14.28
C TYR A 315 7.41 23.56 -14.92
N THR A 316 8.59 23.89 -15.47
CA THR A 316 9.46 22.90 -16.08
C THR A 316 10.57 22.55 -15.09
N LEU A 317 10.65 21.28 -14.72
CA LEU A 317 11.69 20.81 -13.82
C LEU A 317 13.04 20.77 -14.51
N SER A 318 14.09 21.00 -13.73
CA SER A 318 15.43 20.72 -14.21
CA SER A 318 15.43 20.72 -14.21
C SER A 318 15.56 19.22 -14.45
N PRO A 319 16.08 18.80 -15.60
CA PRO A 319 16.23 17.36 -15.85
C PRO A 319 17.03 16.68 -14.75
N MET A 320 16.64 15.46 -14.42
CA MET A 320 17.33 14.72 -13.37
CA MET A 320 17.30 14.68 -13.40
C MET A 320 18.75 14.43 -13.79
#